data_9L8R
#
_entry.id   9L8R
#
_cell.length_a   136.040
_cell.length_b   136.040
_cell.length_c   66.829
_cell.angle_alpha   90.000
_cell.angle_beta   90.000
_cell.angle_gamma   90.000
#
_symmetry.space_group_name_H-M   'P 42 21 2'
#
loop_
_entity.id
_entity.type
_entity.pdbx_description
1 polymer 'Dihydroxy-acid dehydratase, chloroplastic'
2 non-polymer 'FE2/S2 (INORGANIC) CLUSTER'
3 non-polymer '(2~{R})-7-fluoranyl-2-oxidanyl-3-oxidanylidene-4-prop-2-ynyl-1,4-benzoxazine-2-carboxylic acid'
4 non-polymer 'MAGNESIUM ION'
5 water water
#
_entity_poly.entity_id   1
_entity_poly.type   'polypeptide(L)'
_entity_poly.pdbx_seq_one_letter_code
;QSVTADPSPPITDTNKLNKYSSRITEPKSQGGSQAILHGVGLSDDDLLKPQIGISSVWYEGNTCNMHLLKLSEAVKEGVE
NAGMVGFRFNTIGVSDAISMGTRGMCFSLQSRDLIADSIETVMSAQWYDGNISIPGCDKNMPGTIMAMGRLNRPGIMVYG
GTIKPGHFQDKTYDIVSAFQSYGEFVSGSISDEQRKTVLHHSCPGAGACGGMYTANTMASAIEAMGMSLPYSSSIPAEDP
LKLDECRLAGKYLLELLKMDLKPRDIITPKSLRNAMVSVMALGGSTNAVLHLIAIARSVGLELTLDDFQKVSDAVPFLAD
LKPSGKYVMEDIHKIGGTPAVLRYLLELGLMDGDCMTVTGQTLAQNLENVPSLTEGQEIIRPLSNPIKETGHIQILRGDL
APDGSVAKITGKEGLYFSGPALVFEGEESMLAAISADPMSFKGTVVVIRGEGPKGGPGMPEMLTPTSAIMGAGLGKECAL
LTDGRFSGGSHGFVVGHICPEAQEGGPIGLIKNGDIITIDIGAARIDTQVSPEEMNDRRKKWTAPAYKVNRGVLYKYIKN
VQSASDGCVTDE
;
_entity_poly.pdbx_strand_id   A
#
loop_
_chem_comp.id
_chem_comp.type
_chem_comp.name
_chem_comp.formula
A1L7A non-polymer '(2~{R})-7-fluoranyl-2-oxidanyl-3-oxidanylidene-4-prop-2-ynyl-1,4-benzoxazine-2-carboxylic acid' 'C12 H8 F N O5'
FES non-polymer 'FE2/S2 (INORGANIC) CLUSTER' 'Fe2 S2'
MG non-polymer 'MAGNESIUM ION' 'Mg 2'
#
# COMPACT_ATOMS: atom_id res chain seq x y z
N GLN A 1 17.46 11.96 8.98
CA GLN A 1 18.04 12.77 7.92
C GLN A 1 17.43 14.16 7.94
N SER A 2 18.21 15.15 7.45
CA SER A 2 17.77 16.54 7.35
C SER A 2 17.22 16.75 5.94
N VAL A 3 15.92 16.46 5.77
CA VAL A 3 15.28 16.54 4.47
C VAL A 3 15.16 17.99 4.04
N THR A 4 15.68 18.31 2.85
CA THR A 4 15.52 19.62 2.21
C THR A 4 14.78 19.41 0.90
N ALA A 5 13.51 19.85 0.84
CA ALA A 5 12.68 19.69 -0.34
C ALA A 5 11.86 20.94 -0.63
N ASP A 6 11.19 21.48 0.39
CA ASP A 6 10.08 22.41 0.22
C ASP A 6 10.30 23.69 1.01
N PRO A 7 9.62 24.77 0.65
CA PRO A 7 9.88 26.06 1.29
C PRO A 7 9.59 26.04 2.77
N SER A 8 10.43 26.77 3.52
CA SER A 8 10.21 27.06 4.92
C SER A 8 9.31 28.30 5.06
N PRO A 9 8.58 28.43 6.18
CA PRO A 9 7.66 29.56 6.32
C PRO A 9 8.41 30.86 6.53
N PRO A 10 7.84 32.00 6.10
CA PRO A 10 8.51 33.31 6.25
C PRO A 10 8.86 33.65 7.69
N THR A 14 4.99 32.67 15.91
CA THR A 14 5.23 31.36 16.51
C THR A 14 3.92 30.59 16.63
N ASN A 15 2.85 31.29 16.97
CA ASN A 15 1.53 30.66 17.03
C ASN A 15 0.57 31.26 16.00
N LYS A 16 1.10 31.95 14.98
CA LYS A 16 0.34 32.20 13.76
C LYS A 16 -0.26 30.89 13.24
N LEU A 17 -1.52 30.95 12.81
CA LEU A 17 -2.12 29.79 12.19
C LEU A 17 -1.87 29.71 10.68
N ASN A 18 -1.56 30.84 10.03
CA ASN A 18 -1.27 30.90 8.59
C ASN A 18 0.23 31.07 8.35
N LYS A 19 1.02 30.15 8.91
CA LYS A 19 2.46 30.29 8.87
C LYS A 19 3.00 30.36 7.43
N TYR A 20 2.35 29.67 6.49
CA TYR A 20 2.82 29.67 5.11
C TYR A 20 2.08 30.66 4.23
N SER A 21 0.74 30.70 4.28
CA SER A 21 0.01 31.56 3.36
C SER A 21 0.23 33.04 3.64
N SER A 22 0.65 33.41 4.86
CA SER A 22 1.03 34.80 5.12
C SER A 22 2.14 35.28 4.19
N ARG A 23 2.91 34.35 3.63
CA ARG A 23 3.93 34.70 2.65
C ARG A 23 3.32 35.45 1.47
N ILE A 24 2.08 35.13 1.12
CA ILE A 24 1.42 35.75 -0.02
C ILE A 24 0.21 36.59 0.35
N THR A 25 -0.37 36.42 1.54
CA THR A 25 -1.56 37.20 1.88
C THR A 25 -1.23 38.53 2.56
N GLU A 26 -0.05 38.67 3.16
CA GLU A 26 0.28 39.83 4.00
C GLU A 26 1.20 40.86 3.35
N PRO A 27 2.31 40.48 2.69
CA PRO A 27 3.19 41.53 2.12
C PRO A 27 2.53 42.25 0.95
N LYS A 28 2.76 43.57 0.89
CA LYS A 28 2.25 44.36 -0.23
C LYS A 28 2.96 44.01 -1.54
N SER A 29 4.20 43.53 -1.45
CA SER A 29 4.90 43.08 -2.64
C SER A 29 4.26 41.84 -3.26
N GLN A 30 3.27 41.24 -2.60
CA GLN A 30 2.55 40.10 -3.15
C GLN A 30 1.12 40.48 -3.54
N GLY A 31 0.93 41.72 -4.03
CA GLY A 31 -0.38 42.16 -4.47
C GLY A 31 -0.96 41.33 -5.61
N GLY A 32 -0.10 40.82 -6.51
CA GLY A 32 -0.58 39.92 -7.54
C GLY A 32 -1.20 38.66 -6.98
N SER A 33 -0.55 38.05 -5.98
CA SER A 33 -1.13 36.92 -5.28
C SER A 33 -2.50 37.27 -4.72
N GLN A 34 -2.60 38.37 -3.97
CA GLN A 34 -3.88 38.72 -3.36
C GLN A 34 -4.96 39.00 -4.40
N ALA A 35 -4.59 39.52 -5.58
CA ALA A 35 -5.59 39.79 -6.60
C ALA A 35 -6.22 38.50 -7.12
N ILE A 36 -5.40 37.48 -7.39
CA ILE A 36 -5.92 36.16 -7.75
C ILE A 36 -6.85 35.65 -6.67
N LEU A 37 -6.43 35.75 -5.41
CA LEU A 37 -7.23 35.21 -4.31
C LEU A 37 -8.57 35.94 -4.19
N HIS A 38 -8.57 37.26 -4.39
CA HIS A 38 -9.84 37.99 -4.45
C HIS A 38 -10.70 37.49 -5.60
N GLY A 39 -10.06 37.23 -6.75
CA GLY A 39 -10.79 36.74 -7.91
C GLY A 39 -11.37 35.34 -7.73
N VAL A 40 -10.73 34.48 -6.94
CA VAL A 40 -11.36 33.19 -6.64
C VAL A 40 -12.35 33.32 -5.50
N GLY A 41 -12.50 34.50 -4.93
CA GLY A 41 -13.58 34.79 -4.02
C GLY A 41 -13.23 35.05 -2.58
N LEU A 42 -11.97 35.31 -2.26
CA LEU A 42 -11.59 35.59 -0.89
C LEU A 42 -11.83 37.07 -0.55
N SER A 43 -12.46 37.31 0.58
CA SER A 43 -12.55 38.66 1.12
C SER A 43 -11.23 39.06 1.77
N ASP A 44 -11.14 40.32 2.19
CA ASP A 44 -9.97 40.79 2.94
C ASP A 44 -9.84 40.03 4.25
N ASP A 45 -10.97 39.75 4.90
CA ASP A 45 -10.95 38.98 6.13
C ASP A 45 -10.54 37.52 5.86
N ASP A 46 -11.00 36.95 4.75
CA ASP A 46 -10.55 35.61 4.37
C ASP A 46 -9.04 35.54 4.26
N LEU A 47 -8.40 36.62 3.81
CA LEU A 47 -6.94 36.63 3.65
C LEU A 47 -6.21 36.36 4.95
N LEU A 48 -6.84 36.64 6.09
CA LEU A 48 -6.18 36.43 7.38
C LEU A 48 -6.22 34.97 7.82
N LYS A 49 -7.07 34.15 7.21
CA LYS A 49 -7.35 32.80 7.67
C LYS A 49 -6.31 31.81 7.15
N PRO A 50 -6.16 30.66 7.81
CA PRO A 50 -5.32 29.59 7.25
C PRO A 50 -5.94 29.03 5.97
N GLN A 51 -5.08 28.61 5.05
CA GLN A 51 -5.47 28.04 3.78
C GLN A 51 -5.12 26.56 3.76
N ILE A 52 -6.12 25.72 3.58
CA ILE A 52 -5.97 24.26 3.64
C ILE A 52 -6.07 23.72 2.22
N GLY A 53 -5.02 23.03 1.77
CA GLY A 53 -5.07 22.29 0.53
C GLY A 53 -5.78 20.98 0.73
N ILE A 54 -6.82 20.76 -0.07
CA ILE A 54 -7.68 19.59 0.05
C ILE A 54 -7.46 18.78 -1.22
N SER A 55 -6.60 17.74 -1.14
CA SER A 55 -6.14 16.98 -2.29
C SER A 55 -6.88 15.65 -2.32
N SER A 56 -7.85 15.54 -3.22
CA SER A 56 -8.54 14.30 -3.48
C SER A 56 -7.91 13.56 -4.67
N VAL A 57 -8.20 12.27 -4.76
CA VAL A 57 -7.74 11.45 -5.88
C VAL A 57 -9.00 10.91 -6.58
N TRP A 58 -9.89 11.81 -6.97
CA TRP A 58 -11.10 11.40 -7.65
C TRP A 58 -10.81 11.08 -9.11
N TYR A 59 -11.43 10.02 -9.63
CA TYR A 59 -11.61 9.87 -11.08
C TYR A 59 -12.71 8.87 -11.31
N GLU A 60 -13.30 8.96 -12.50
CA GLU A 60 -14.56 8.27 -12.77
C GLU A 60 -14.38 6.83 -13.19
N GLY A 61 -13.22 6.44 -13.71
CA GLY A 61 -13.04 5.11 -14.24
C GLY A 61 -12.72 4.02 -13.23
N ASN A 62 -12.93 4.29 -11.93
CA ASN A 62 -12.65 3.29 -10.91
C ASN A 62 -13.66 3.43 -9.78
N THR A 63 -14.22 2.30 -9.37
CA THR A 63 -15.17 2.29 -8.25
C THR A 63 -14.54 2.85 -6.98
N CYS A 64 -13.23 2.61 -6.79
CA CYS A 64 -12.55 3.09 -5.58
C CYS A 64 -12.42 4.61 -5.53
N ASN A 65 -12.62 5.31 -6.65
CA ASN A 65 -12.32 6.72 -6.70
C ASN A 65 -13.44 7.60 -7.17
N MET A 66 -14.52 7.04 -7.72
CA MET A 66 -15.51 7.85 -8.42
C MET A 66 -16.32 8.75 -7.49
N HIS A 67 -16.32 8.46 -6.20
CA HIS A 67 -17.09 9.16 -5.19
C HIS A 67 -16.29 10.21 -4.42
N LEU A 68 -14.99 10.34 -4.68
CA LEU A 68 -14.17 11.16 -3.78
C LEU A 68 -14.42 12.64 -3.95
N LEU A 69 -14.99 13.07 -5.07
CA LEU A 69 -15.32 14.48 -5.23
C LEU A 69 -16.39 14.89 -4.24
N LYS A 70 -17.39 14.02 -4.02
CA LYS A 70 -18.40 14.32 -3.03
C LYS A 70 -17.81 14.40 -1.63
N LEU A 71 -16.90 13.47 -1.30
CA LEU A 71 -16.21 13.56 -0.03
C LEU A 71 -15.45 14.87 0.10
N SER A 72 -14.79 15.29 -1.00
CA SER A 72 -13.98 16.50 -0.95
CA SER A 72 -13.97 16.49 -0.94
C SER A 72 -14.83 17.73 -0.70
N GLU A 73 -16.08 17.72 -1.17
CA GLU A 73 -16.96 18.86 -0.90
C GLU A 73 -17.31 18.92 0.58
N ALA A 74 -17.57 17.76 1.18
CA ALA A 74 -17.78 17.69 2.62
C ALA A 74 -16.56 18.19 3.40
N VAL A 75 -15.36 17.80 2.96
CA VAL A 75 -14.17 18.25 3.67
C VAL A 75 -14.04 19.77 3.60
N LYS A 76 -14.30 20.34 2.43
CA LYS A 76 -14.18 21.79 2.27
C LYS A 76 -15.20 22.52 3.15
N GLU A 77 -16.45 22.05 3.17
CA GLU A 77 -17.45 22.64 4.06
C GLU A 77 -16.99 22.61 5.51
N GLY A 78 -16.47 21.46 5.97
CA GLY A 78 -15.96 21.38 7.32
C GLY A 78 -14.79 22.31 7.58
N VAL A 79 -13.94 22.51 6.57
CA VAL A 79 -12.83 23.44 6.72
C VAL A 79 -13.34 24.86 6.89
N GLU A 80 -14.39 25.21 6.14
CA GLU A 80 -14.98 26.54 6.26
C GLU A 80 -15.67 26.70 7.60
N ASN A 81 -16.48 25.72 8.00
CA ASN A 81 -17.12 25.68 9.31
C ASN A 81 -16.13 25.74 10.45
N ALA A 82 -14.83 25.62 10.18
CA ALA A 82 -13.81 25.69 11.22
C ALA A 82 -13.05 27.00 11.15
N GLY A 83 -13.48 27.93 10.31
CA GLY A 83 -12.85 29.23 10.25
C GLY A 83 -11.66 29.32 9.34
N MET A 84 -11.48 28.35 8.45
CA MET A 84 -10.36 28.38 7.52
C MET A 84 -10.87 28.46 6.08
N VAL A 85 -9.93 28.69 5.16
CA VAL A 85 -10.22 28.68 3.73
C VAL A 85 -9.80 27.33 3.16
N GLY A 86 -10.72 26.66 2.47
CA GLY A 86 -10.44 25.37 1.83
C GLY A 86 -10.32 25.52 0.32
N PHE A 87 -9.21 25.01 -0.21
CA PHE A 87 -8.90 25.05 -1.64
C PHE A 87 -8.75 23.63 -2.14
N ARG A 88 -9.71 23.16 -2.93
CA ARG A 88 -9.68 21.80 -3.40
C ARG A 88 -8.78 21.69 -4.61
N PHE A 89 -8.03 20.58 -4.66
CA PHE A 89 -7.37 20.20 -5.90
C PHE A 89 -7.35 18.67 -5.94
N ASN A 90 -6.93 18.12 -7.09
CA ASN A 90 -7.14 16.71 -7.34
C ASN A 90 -5.97 16.20 -8.16
N THR A 91 -5.49 15.00 -7.83
CA THR A 91 -4.44 14.41 -8.62
C THR A 91 -4.92 13.13 -9.31
N ILE A 92 -4.00 12.46 -10.02
CA ILE A 92 -4.35 11.28 -10.78
C ILE A 92 -4.27 10.06 -9.86
N GLY A 93 -4.89 8.97 -10.31
CA GLY A 93 -4.67 7.66 -9.74
C GLY A 93 -4.98 6.63 -10.82
N VAL A 94 -4.57 5.38 -10.59
CA VAL A 94 -4.85 4.31 -11.54
C VAL A 94 -5.40 3.10 -10.78
N SER A 95 -6.08 2.22 -11.51
CA SER A 95 -6.81 1.11 -10.89
C SER A 95 -6.10 -0.19 -11.23
N ASP A 96 -5.55 -0.85 -10.21
CA ASP A 96 -4.93 -2.16 -10.40
C ASP A 96 -5.94 -3.19 -10.85
N ALA A 97 -7.19 -3.09 -10.39
CA ALA A 97 -8.17 -4.08 -10.81
C ALA A 97 -8.45 -3.98 -12.30
N ILE A 98 -8.41 -2.78 -12.85
CA ILE A 98 -8.62 -2.65 -14.28
C ILE A 98 -7.40 -3.14 -15.05
N SER A 99 -6.20 -2.71 -14.61
CA SER A 99 -5.00 -2.92 -15.41
CA SER A 99 -4.99 -2.92 -15.40
C SER A 99 -4.31 -4.25 -15.13
N MET A 100 -4.67 -4.94 -14.03
CA MET A 100 -4.09 -6.24 -13.72
C MET A 100 -4.21 -7.18 -14.91
N GLY A 101 -3.13 -7.88 -15.21
CA GLY A 101 -3.07 -8.72 -16.38
C GLY A 101 -2.56 -8.05 -17.64
N THR A 102 -2.24 -6.75 -17.59
CA THR A 102 -1.86 -5.99 -18.77
C THR A 102 -0.59 -5.19 -18.51
N ARG A 103 0.00 -4.71 -19.61
CA ARG A 103 1.16 -3.80 -19.53
C ARG A 103 0.81 -2.48 -18.85
N GLY A 104 -0.47 -2.13 -18.76
CA GLY A 104 -0.85 -0.98 -17.95
C GLY A 104 -0.37 -1.09 -16.52
N MET A 105 -0.21 -2.33 -16.01
CA MET A 105 0.20 -2.51 -14.62
C MET A 105 1.62 -1.98 -14.38
N CYS A 106 2.44 -1.85 -15.44
CA CYS A 106 3.74 -1.21 -15.26
C CYS A 106 3.63 0.24 -14.83
N PHE A 107 2.47 0.87 -14.96
CA PHE A 107 2.33 2.25 -14.55
C PHE A 107 1.78 2.41 -13.12
N SER A 108 1.55 1.31 -12.40
CA SER A 108 0.76 1.38 -11.18
C SER A 108 1.60 1.83 -9.99
N LEU A 109 2.69 1.10 -9.69
CA LEU A 109 3.47 1.42 -8.50
C LEU A 109 4.00 2.85 -8.56
N GLN A 110 4.49 3.30 -9.73
CA GLN A 110 5.08 4.63 -9.79
C GLN A 110 4.04 5.73 -9.55
N SER A 111 2.75 5.43 -9.77
CA SER A 111 1.71 6.42 -9.50
C SER A 111 1.69 6.85 -8.04
N ARG A 112 2.14 5.99 -7.13
CA ARG A 112 2.33 6.41 -5.74
C ARG A 112 3.28 7.60 -5.67
N ASP A 113 4.41 7.51 -6.37
CA ASP A 113 5.42 8.56 -6.26
C ASP A 113 5.05 9.78 -7.09
N LEU A 114 4.33 9.57 -8.20
CA LEU A 114 3.78 10.69 -8.94
C LEU A 114 2.81 11.49 -8.07
N ILE A 115 2.00 10.81 -7.26
CA ILE A 115 1.04 11.50 -6.42
C ILE A 115 1.75 12.31 -5.32
N ALA A 116 2.76 11.70 -4.69
CA ALA A 116 3.58 12.41 -3.73
C ALA A 116 4.12 13.71 -4.33
N ASP A 117 4.74 13.60 -5.53
CA ASP A 117 5.24 14.78 -6.25
C ASP A 117 4.13 15.79 -6.53
N SER A 118 2.96 15.30 -6.90
CA SER A 118 1.82 16.15 -7.25
C SER A 118 1.40 17.05 -6.10
N ILE A 119 1.19 16.45 -4.93
CA ILE A 119 0.64 17.20 -3.81
C ILE A 119 1.70 18.12 -3.21
N GLU A 120 2.93 17.60 -3.06
CA GLU A 120 4.07 18.43 -2.71
C GLU A 120 4.15 19.69 -3.59
N THR A 121 4.04 19.50 -4.92
CA THR A 121 4.11 20.63 -5.86
C THR A 121 3.08 21.71 -5.55
N VAL A 122 1.80 21.32 -5.41
CA VAL A 122 0.72 22.29 -5.20
C VAL A 122 0.86 22.97 -3.84
N MET A 123 1.06 22.19 -2.77
CA MET A 123 1.23 22.81 -1.46
C MET A 123 2.38 23.81 -1.47
N SER A 124 3.45 23.47 -2.18
CA SER A 124 4.63 24.32 -2.18
C SER A 124 4.39 25.59 -2.98
N ALA A 125 3.83 25.44 -4.20
CA ALA A 125 3.60 26.60 -5.05
C ALA A 125 2.54 27.54 -4.48
N GLN A 126 1.47 26.99 -3.89
CA GLN A 126 0.36 27.83 -3.45
C GLN A 126 0.45 28.30 -2.01
N TRP A 127 1.46 27.85 -1.25
CA TRP A 127 1.72 28.31 0.12
C TRP A 127 0.59 27.92 1.08
N TYR A 128 0.04 26.73 0.90
CA TYR A 128 -1.01 26.27 1.79
C TYR A 128 -0.41 25.91 3.16
N ASP A 129 -1.20 26.16 4.21
CA ASP A 129 -0.77 25.98 5.60
C ASP A 129 -0.92 24.54 6.08
N GLY A 130 -1.89 23.82 5.54
CA GLY A 130 -2.11 22.45 5.99
C GLY A 130 -2.74 21.69 4.86
N ASN A 131 -2.89 20.38 5.05
CA ASN A 131 -3.40 19.53 3.99
C ASN A 131 -4.37 18.50 4.56
N ILE A 132 -5.46 18.28 3.82
CA ILE A 132 -6.34 17.14 4.04
C ILE A 132 -6.41 16.37 2.74
N SER A 133 -5.99 15.11 2.78
CA SER A 133 -5.91 14.25 1.60
C SER A 133 -7.03 13.22 1.63
N ILE A 134 -7.62 12.97 0.46
CA ILE A 134 -8.72 12.01 0.35
C ILE A 134 -8.39 11.00 -0.74
N PRO A 135 -7.57 10.01 -0.44
CA PRO A 135 -7.37 8.89 -1.36
C PRO A 135 -8.48 7.88 -1.20
N GLY A 136 -8.63 7.01 -2.20
CA GLY A 136 -9.55 5.92 -2.01
C GLY A 136 -9.03 4.55 -2.39
N CYS A 137 -7.74 4.46 -2.70
CA CYS A 137 -7.24 3.41 -3.60
C CYS A 137 -5.77 3.14 -3.35
N ASP A 138 -5.35 1.91 -3.64
CA ASP A 138 -3.98 1.33 -3.51
C ASP A 138 -2.82 2.27 -3.23
N LYS A 139 -2.19 2.73 -4.31
CA LYS A 139 -0.94 3.47 -4.24
C LYS A 139 -1.19 4.90 -3.80
N ASN A 140 -2.44 5.28 -3.72
CA ASN A 140 -2.73 6.68 -3.40
C ASN A 140 -2.60 6.94 -1.90
N MET A 141 -2.90 5.93 -1.06
CA MET A 141 -2.73 6.14 0.38
C MET A 141 -1.29 6.58 0.62
N PRO A 142 -0.27 5.75 0.36
CA PRO A 142 1.09 6.15 0.78
C PRO A 142 1.60 7.35 0.02
N GLY A 143 1.16 7.55 -1.23
CA GLY A 143 1.54 8.75 -1.95
C GLY A 143 1.18 10.02 -1.20
N THR A 144 0.02 10.04 -0.56
CA THR A 144 -0.40 11.26 0.14
C THR A 144 0.42 11.48 1.41
N ILE A 145 0.75 10.40 2.13
CA ILE A 145 1.53 10.54 3.37
C ILE A 145 2.94 11.01 3.05
N MET A 146 3.52 10.46 1.99
CA MET A 146 4.87 10.85 1.58
C MET A 146 4.95 12.35 1.30
N ALA A 147 3.94 12.92 0.65
CA ALA A 147 3.94 14.35 0.40
C ALA A 147 3.81 15.13 1.71
N MET A 148 2.99 14.63 2.63
CA MET A 148 2.89 15.28 3.94
C MET A 148 4.22 15.25 4.68
N GLY A 149 4.98 14.16 4.55
CA GLY A 149 6.24 14.06 5.25
C GLY A 149 7.30 15.00 4.69
N ARG A 150 7.35 15.13 3.36
CA ARG A 150 8.26 16.07 2.71
C ARG A 150 7.97 17.49 3.14
N LEU A 151 6.70 17.87 3.13
CA LEU A 151 6.30 19.23 3.45
C LEU A 151 6.38 19.51 4.94
N ASN A 152 6.09 18.50 5.76
CA ASN A 152 6.00 18.63 7.20
C ASN A 152 5.12 19.81 7.61
N ARG A 153 3.97 19.96 6.92
CA ARG A 153 2.91 20.87 7.35
C ARG A 153 1.75 20.04 7.90
N PRO A 154 1.01 20.56 8.88
CA PRO A 154 -0.03 19.74 9.50
C PRO A 154 -0.98 19.16 8.47
N GLY A 155 -1.33 17.88 8.65
CA GLY A 155 -2.04 17.16 7.61
C GLY A 155 -2.81 15.99 8.17
N ILE A 156 -3.90 15.66 7.48
CA ILE A 156 -4.71 14.51 7.86
C ILE A 156 -5.09 13.76 6.59
N MET A 157 -4.97 12.43 6.62
CA MET A 157 -5.46 11.58 5.54
C MET A 157 -6.83 11.05 5.91
N VAL A 158 -7.83 11.35 5.07
CA VAL A 158 -9.17 10.81 5.19
C VAL A 158 -9.29 9.67 4.18
N TYR A 159 -9.27 8.44 4.66
CA TYR A 159 -9.48 7.30 3.77
C TYR A 159 -10.86 7.40 3.13
N GLY A 160 -10.90 7.22 1.81
CA GLY A 160 -12.18 7.14 1.11
C GLY A 160 -13.06 6.02 1.62
N GLY A 161 -12.47 4.93 2.09
CA GLY A 161 -13.29 3.87 2.63
C GLY A 161 -13.35 2.65 1.71
N THR A 162 -13.55 1.48 2.32
CA THR A 162 -13.64 0.24 1.56
C THR A 162 -15.03 0.09 0.93
N ILE A 163 -15.05 -0.58 -0.23
CA ILE A 163 -16.31 -0.98 -0.88
C ILE A 163 -16.96 -2.15 -0.12
N LYS A 164 -18.29 -2.16 -0.11
CA LYS A 164 -19.03 -3.29 0.46
C LYS A 164 -18.94 -4.51 -0.48
N PRO A 165 -19.08 -5.72 0.06
CA PRO A 165 -19.08 -6.90 -0.81
C PRO A 165 -20.32 -6.97 -1.69
N GLY A 166 -20.16 -7.62 -2.85
CA GLY A 166 -21.30 -7.84 -3.74
C GLY A 166 -22.14 -9.04 -3.34
N HIS A 167 -23.44 -8.94 -3.63
CA HIS A 167 -24.40 -9.97 -3.23
C HIS A 167 -25.34 -10.28 -4.39
N PHE A 168 -25.56 -11.56 -4.66
CA PHE A 168 -26.56 -11.98 -5.65
C PHE A 168 -27.03 -13.38 -5.32
N GLN A 169 -28.31 -13.50 -4.96
CA GLN A 169 -28.96 -14.78 -4.70
C GLN A 169 -28.19 -15.58 -3.63
N ASP A 170 -28.09 -14.95 -2.45
CA ASP A 170 -27.46 -15.51 -1.23
C ASP A 170 -26.04 -16.06 -1.45
N LYS A 171 -25.31 -15.54 -2.44
CA LYS A 171 -23.88 -15.77 -2.59
C LYS A 171 -23.15 -14.43 -2.64
N THR A 172 -21.93 -14.39 -2.10
CA THR A 172 -21.17 -13.15 -1.90
C THR A 172 -19.92 -13.10 -2.79
N TYR A 173 -19.57 -11.90 -3.27
CA TYR A 173 -18.43 -11.70 -4.16
C TYR A 173 -17.64 -10.44 -3.79
N ASP A 174 -16.37 -10.42 -4.18
CA ASP A 174 -15.61 -9.17 -4.32
C ASP A 174 -14.77 -9.26 -5.61
N ILE A 175 -13.79 -8.36 -5.75
CA ILE A 175 -12.98 -8.29 -6.97
C ILE A 175 -12.22 -9.59 -7.18
N VAL A 176 -11.91 -10.31 -6.11
CA VAL A 176 -11.22 -11.59 -6.26
C VAL A 176 -12.11 -12.61 -6.97
N SER A 177 -13.42 -12.63 -6.65
CA SER A 177 -14.36 -13.48 -7.38
C SER A 177 -14.31 -13.22 -8.89
N ALA A 178 -14.28 -11.94 -9.29
CA ALA A 178 -14.17 -11.59 -10.71
C ALA A 178 -12.84 -12.06 -11.30
N PHE A 179 -11.74 -11.88 -10.56
CA PHE A 179 -10.46 -12.45 -11.00
C PHE A 179 -10.57 -13.97 -11.14
N GLN A 180 -11.22 -14.62 -10.15
CA GLN A 180 -11.37 -16.08 -10.14
C GLN A 180 -12.10 -16.60 -11.37
N SER A 181 -13.09 -15.84 -11.86
CA SER A 181 -14.16 -16.41 -12.67
C SER A 181 -13.63 -17.02 -13.96
N TYR A 182 -12.64 -16.38 -14.60
CA TYR A 182 -12.13 -16.90 -15.87
C TYR A 182 -11.43 -18.25 -15.68
N GLY A 183 -10.64 -18.39 -14.62
CA GLY A 183 -10.00 -19.67 -14.35
C GLY A 183 -11.02 -20.78 -14.09
N GLU A 184 -12.06 -20.46 -13.31
CA GLU A 184 -13.14 -21.42 -13.07
C GLU A 184 -13.90 -21.74 -14.36
N PHE A 185 -13.95 -20.80 -15.31
CA PHE A 185 -14.65 -21.04 -16.58
C PHE A 185 -13.91 -22.07 -17.43
N VAL A 186 -12.63 -21.81 -17.75
CA VAL A 186 -11.85 -22.76 -18.54
C VAL A 186 -11.71 -24.09 -17.80
N SER A 187 -11.80 -24.07 -16.47
CA SER A 187 -11.70 -25.25 -15.63
C SER A 187 -12.93 -26.17 -15.71
N GLY A 188 -14.01 -25.72 -16.34
CA GLY A 188 -15.27 -26.44 -16.27
C GLY A 188 -16.01 -26.29 -14.96
N SER A 189 -15.41 -25.61 -13.98
CA SER A 189 -16.04 -25.41 -12.68
C SER A 189 -17.34 -24.63 -12.80
N ILE A 190 -17.38 -23.64 -13.70
CA ILE A 190 -18.56 -22.81 -13.93
C ILE A 190 -18.76 -22.62 -15.43
N SER A 191 -20.01 -22.29 -15.79
CA SER A 191 -20.38 -22.05 -17.18
C SER A 191 -20.08 -20.60 -17.56
N ASP A 192 -20.40 -20.24 -18.81
CA ASP A 192 -20.21 -18.87 -19.25
C ASP A 192 -21.24 -17.92 -18.62
N GLU A 193 -22.46 -18.41 -18.39
CA GLU A 193 -23.51 -17.59 -17.77
C GLU A 193 -23.22 -17.34 -16.29
N GLN A 194 -22.74 -18.36 -15.58
CA GLN A 194 -22.30 -18.17 -14.19
C GLN A 194 -21.13 -17.21 -14.11
N ARG A 195 -20.23 -17.26 -15.10
CA ARG A 195 -19.02 -16.42 -15.09
C ARG A 195 -19.36 -14.95 -15.22
N LYS A 196 -20.36 -14.61 -16.03
CA LYS A 196 -20.75 -13.22 -16.22
C LYS A 196 -21.67 -12.70 -15.12
N THR A 197 -22.37 -13.59 -14.41
CA THR A 197 -23.06 -13.19 -13.19
C THR A 197 -22.05 -12.74 -12.13
N VAL A 198 -20.91 -13.44 -12.04
CA VAL A 198 -19.81 -13.00 -11.20
C VAL A 198 -19.43 -11.56 -11.51
N LEU A 199 -19.18 -11.26 -12.79
CA LEU A 199 -18.63 -9.95 -13.15
C LEU A 199 -19.66 -8.82 -13.03
N HIS A 200 -20.95 -9.11 -13.16
CA HIS A 200 -21.96 -8.07 -12.95
C HIS A 200 -22.22 -7.79 -11.47
N HIS A 201 -21.84 -8.70 -10.57
CA HIS A 201 -22.22 -8.62 -9.16
C HIS A 201 -21.02 -8.66 -8.23
N SER A 202 -19.82 -8.33 -8.73
CA SER A 202 -18.61 -8.42 -7.90
C SER A 202 -18.34 -7.11 -7.15
N CYS A 203 -18.40 -5.98 -7.84
CA CYS A 203 -18.18 -4.66 -7.23
C CYS A 203 -19.45 -3.82 -7.27
N PRO A 204 -20.19 -3.72 -6.16
CA PRO A 204 -21.53 -3.11 -6.19
C PRO A 204 -21.58 -1.60 -6.06
N GLY A 205 -20.47 -0.91 -5.83
CA GLY A 205 -20.49 0.54 -5.64
C GLY A 205 -19.13 1.16 -5.45
N ALA A 206 -19.05 2.24 -4.67
CA ALA A 206 -17.77 2.92 -4.44
C ALA A 206 -16.91 2.19 -3.40
N GLY A 207 -15.59 2.27 -3.57
CA GLY A 207 -14.66 1.88 -2.54
C GLY A 207 -13.40 1.14 -3.01
N ALA A 208 -12.36 1.22 -2.19
CA ALA A 208 -11.24 0.31 -2.37
C ALA A 208 -11.67 -1.17 -2.24
N CYS A 209 -10.84 -2.06 -2.81
CA CYS A 209 -11.16 -3.49 -2.81
C CYS A 209 -11.39 -4.03 -1.38
N GLY A 210 -12.34 -4.97 -1.27
CA GLY A 210 -12.99 -5.26 0.00
C GLY A 210 -12.17 -6.00 1.06
N GLY A 211 -11.29 -6.91 0.64
CA GLY A 211 -10.51 -7.70 1.59
C GLY A 211 -9.33 -6.94 2.22
N MET A 212 -8.54 -7.66 3.01
CA MET A 212 -7.31 -7.11 3.62
C MET A 212 -6.19 -7.09 2.56
N TYR A 213 -6.51 -6.34 1.54
CA TYR A 213 -5.65 -6.14 0.40
C TYR A 213 -4.81 -4.88 0.64
N THR A 214 -4.16 -4.35 -0.40
CA THR A 214 -3.23 -3.25 -0.18
C THR A 214 -3.95 -2.04 0.40
N ALA A 215 -5.12 -1.71 -0.14
CA ALA A 215 -5.81 -0.50 0.28
C ALA A 215 -6.19 -0.56 1.75
N ASN A 216 -6.80 -1.67 2.17
CA ASN A 216 -7.21 -1.83 3.56
C ASN A 216 -6.01 -1.99 4.47
N THR A 217 -4.98 -2.72 4.00
CA THR A 217 -3.72 -2.80 4.74
C THR A 217 -3.17 -1.40 5.03
N MET A 218 -3.01 -0.59 3.97
CA MET A 218 -2.38 0.72 4.14
C MET A 218 -3.26 1.67 4.93
N ALA A 219 -4.57 1.67 4.68
CA ALA A 219 -5.43 2.56 5.43
C ALA A 219 -5.41 2.20 6.91
N SER A 220 -5.41 0.90 7.22
CA SER A 220 -5.29 0.44 8.61
C SER A 220 -3.95 0.84 9.21
N ALA A 221 -2.88 0.62 8.45
CA ALA A 221 -1.55 0.94 8.95
C ALA A 221 -1.41 2.44 9.17
N ILE A 222 -1.99 3.24 8.27
CA ILE A 222 -1.85 4.69 8.38
C ILE A 222 -2.65 5.20 9.56
N GLU A 223 -3.84 4.63 9.80
CA GLU A 223 -4.57 4.95 11.03
C GLU A 223 -3.76 4.54 12.26
N ALA A 224 -3.19 3.33 12.24
CA ALA A 224 -2.37 2.87 13.36
C ALA A 224 -1.17 3.77 13.56
N MET A 225 -0.71 4.40 12.47
CA MET A 225 0.40 5.34 12.53
C MET A 225 -0.01 6.69 13.11
N GLY A 226 -1.30 6.91 13.35
CA GLY A 226 -1.75 8.17 13.90
C GLY A 226 -2.00 9.27 12.90
N MET A 227 -2.05 8.97 11.59
CA MET A 227 -2.16 9.99 10.55
C MET A 227 -3.55 10.02 9.92
N SER A 228 -4.46 9.19 10.42
CA SER A 228 -5.89 9.25 10.10
C SER A 228 -6.66 9.33 11.41
N LEU A 229 -7.86 9.90 11.35
CA LEU A 229 -8.70 9.92 12.53
C LEU A 229 -9.15 8.50 12.88
N PRO A 230 -9.48 8.25 14.14
CA PRO A 230 -10.00 6.92 14.52
C PRO A 230 -11.24 6.57 13.70
N TYR A 231 -11.28 5.33 13.24
CA TYR A 231 -12.31 4.69 12.42
C TYR A 231 -12.15 5.03 10.93
N SER A 232 -11.22 5.90 10.54
CA SER A 232 -11.12 6.24 9.12
C SER A 232 -10.95 5.00 8.26
N SER A 233 -10.05 4.09 8.66
CA SER A 233 -9.79 2.93 7.82
C SER A 233 -10.94 1.94 7.73
N SER A 234 -11.85 1.91 8.71
CA SER A 234 -12.83 0.83 8.75
C SER A 234 -14.26 1.25 8.39
N ILE A 235 -14.55 2.55 8.34
CA ILE A 235 -15.88 2.98 7.87
C ILE A 235 -15.99 2.71 6.38
N PRO A 236 -17.04 2.02 5.91
CA PRO A 236 -17.18 1.77 4.47
C PRO A 236 -17.31 3.05 3.66
N ALA A 237 -16.91 2.96 2.39
CA ALA A 237 -16.95 4.13 1.51
C ALA A 237 -18.35 4.73 1.44
N GLU A 238 -19.38 3.90 1.43
CA GLU A 238 -20.70 4.45 1.20
C GLU A 238 -21.40 4.86 2.49
N ASP A 239 -20.72 4.79 3.64
CA ASP A 239 -21.37 4.97 4.93
C ASP A 239 -21.62 6.45 5.21
N PRO A 240 -22.80 6.80 5.74
CA PRO A 240 -23.03 8.18 6.18
C PRO A 240 -21.98 8.73 7.13
N LEU A 241 -21.36 7.88 7.96
CA LEU A 241 -20.37 8.35 8.91
C LEU A 241 -19.08 8.78 8.23
N LYS A 242 -18.79 8.24 7.03
CA LYS A 242 -17.64 8.72 6.27
C LYS A 242 -17.79 10.20 5.92
N LEU A 243 -18.98 10.62 5.48
CA LEU A 243 -19.21 12.03 5.21
C LEU A 243 -19.05 12.88 6.47
N ASP A 244 -19.54 12.38 7.62
CA ASP A 244 -19.36 13.12 8.87
C ASP A 244 -17.88 13.26 9.22
N GLU A 245 -17.09 12.18 9.04
CA GLU A 245 -15.66 12.27 9.27
C GLU A 245 -15.06 13.35 8.38
N CYS A 246 -15.44 13.38 7.10
CA CYS A 246 -15.00 14.45 6.19
C CYS A 246 -15.30 15.81 6.78
N ARG A 247 -16.51 15.99 7.28
CA ARG A 247 -16.93 17.29 7.79
C ARG A 247 -16.23 17.64 9.09
N LEU A 248 -15.68 16.66 9.79
CA LEU A 248 -14.96 16.94 11.03
C LEU A 248 -13.45 17.12 10.83
N ALA A 249 -12.89 16.74 9.68
CA ALA A 249 -11.44 16.90 9.51
C ALA A 249 -11.00 18.35 9.70
N GLY A 250 -11.83 19.32 9.29
CA GLY A 250 -11.43 20.71 9.43
C GLY A 250 -11.19 21.11 10.88
N LYS A 251 -12.12 20.75 11.76
CA LYS A 251 -11.96 21.02 13.19
C LYS A 251 -10.66 20.44 13.72
N TYR A 252 -10.40 19.18 13.38
CA TYR A 252 -9.19 18.54 13.89
C TYR A 252 -7.96 19.20 13.31
N LEU A 253 -8.00 19.59 12.04
CA LEU A 253 -6.82 20.22 11.46
C LEU A 253 -6.55 21.58 12.11
N LEU A 254 -7.61 22.33 12.41
CA LEU A 254 -7.45 23.59 13.12
C LEU A 254 -6.66 23.38 14.41
N GLU A 255 -7.03 22.37 15.20
CA GLU A 255 -6.32 22.07 16.43
C GLU A 255 -4.85 21.73 16.17
N LEU A 256 -4.57 21.02 15.06
CA LEU A 256 -3.19 20.68 14.74
C LEU A 256 -2.38 21.93 14.39
N LEU A 257 -2.99 22.88 13.69
CA LEU A 257 -2.32 24.14 13.42
C LEU A 257 -2.05 24.90 14.72
N LYS A 258 -3.03 24.88 15.64
CA LYS A 258 -2.86 25.52 16.94
C LYS A 258 -1.71 24.89 17.71
N MET A 259 -1.67 23.55 17.74
CA MET A 259 -0.56 22.87 18.40
C MET A 259 0.72 22.90 17.58
N ASP A 260 0.63 23.28 16.31
CA ASP A 260 1.67 23.01 15.33
C ASP A 260 2.17 21.58 15.45
N LEU A 261 1.23 20.64 15.42
CA LEU A 261 1.56 19.23 15.43
C LEU A 261 1.69 18.77 13.99
N LYS A 262 2.92 18.54 13.56
CA LYS A 262 3.33 18.32 12.19
C LYS A 262 3.53 16.83 11.92
N PRO A 263 3.52 16.42 10.64
CA PRO A 263 3.71 14.99 10.33
C PRO A 263 5.01 14.41 10.85
N ARG A 264 6.09 15.19 10.95
CA ARG A 264 7.30 14.62 11.52
C ARG A 264 7.26 14.54 13.03
N ASP A 265 6.29 15.20 13.67
CA ASP A 265 5.99 14.95 15.08
C ASP A 265 5.11 13.72 15.29
N ILE A 266 4.43 13.24 14.24
CA ILE A 266 3.52 12.12 14.37
C ILE A 266 4.12 10.83 13.83
N ILE A 267 4.83 10.90 12.70
CA ILE A 267 5.44 9.73 12.08
C ILE A 267 6.84 9.59 12.66
N THR A 268 7.01 8.64 13.57
CA THR A 268 8.23 8.44 14.33
C THR A 268 8.59 6.97 14.25
N PRO A 269 9.82 6.60 14.67
CA PRO A 269 10.13 5.16 14.73
C PRO A 269 9.07 4.35 15.45
N LYS A 270 8.48 4.90 16.51
CA LYS A 270 7.51 4.14 17.30
C LYS A 270 6.16 4.08 16.62
N SER A 271 5.69 5.19 16.00
CA SER A 271 4.43 5.11 15.26
C SER A 271 4.59 4.28 13.99
N LEU A 272 5.78 4.27 13.39
CA LEU A 272 6.03 3.34 12.28
C LEU A 272 5.93 1.91 12.75
N ARG A 273 6.50 1.62 13.93
CA ARG A 273 6.33 0.29 14.51
C ARG A 273 4.86 -0.03 14.76
N ASN A 274 4.10 0.91 15.33
CA ASN A 274 2.68 0.70 15.51
C ASN A 274 2.01 0.32 14.19
N ALA A 275 2.40 0.97 13.10
CA ALA A 275 1.80 0.65 11.81
C ALA A 275 2.19 -0.76 11.39
N MET A 276 3.46 -1.13 11.59
CA MET A 276 3.92 -2.47 11.27
C MET A 276 3.22 -3.51 12.13
N VAL A 277 2.93 -3.17 13.39
CA VAL A 277 2.21 -4.11 14.25
C VAL A 277 0.85 -4.42 13.65
N SER A 278 0.16 -3.39 13.15
CA SER A 278 -1.16 -3.62 12.57
C SER A 278 -1.05 -4.52 11.35
N VAL A 279 -0.02 -4.34 10.53
CA VAL A 279 0.14 -5.16 9.34
C VAL A 279 0.28 -6.63 9.74
N MET A 280 1.20 -6.93 10.66
CA MET A 280 1.37 -8.31 11.08
C MET A 280 0.11 -8.87 11.69
N ALA A 281 -0.54 -8.10 12.56
CA ALA A 281 -1.67 -8.63 13.31
C ALA A 281 -2.84 -8.93 12.39
N LEU A 282 -3.04 -8.12 11.36
CA LEU A 282 -4.18 -8.24 10.47
C LEU A 282 -3.90 -9.08 9.22
N GLY A 283 -2.69 -9.61 9.06
CA GLY A 283 -2.31 -10.29 7.84
C GLY A 283 -2.21 -9.38 6.62
N GLY A 284 -1.63 -8.19 6.78
CA GLY A 284 -1.66 -7.22 5.69
C GLY A 284 -0.74 -7.57 4.53
N SER A 285 -0.97 -6.88 3.43
CA SER A 285 -0.23 -7.06 2.18
C SER A 285 1.27 -6.83 2.34
N THR A 286 2.05 -7.66 1.66
CA THR A 286 3.50 -7.46 1.53
C THR A 286 3.85 -6.15 0.82
N ASN A 287 2.91 -5.53 0.10
CA ASN A 287 3.17 -4.18 -0.43
C ASN A 287 3.41 -3.16 0.68
N ALA A 288 2.88 -3.39 1.88
CA ALA A 288 3.12 -2.47 3.00
C ALA A 288 4.60 -2.33 3.30
N VAL A 289 5.39 -3.35 2.99
CA VAL A 289 6.84 -3.23 3.15
C VAL A 289 7.36 -2.07 2.30
N LEU A 290 7.00 -2.03 1.02
CA LEU A 290 7.43 -0.95 0.14
C LEU A 290 6.90 0.41 0.60
N HIS A 291 5.62 0.47 0.99
CA HIS A 291 5.02 1.77 1.26
C HIS A 291 5.45 2.33 2.61
N LEU A 292 5.59 1.47 3.62
CA LEU A 292 6.02 1.98 4.91
C LEU A 292 7.48 2.43 4.87
N ILE A 293 8.31 1.77 4.06
CA ILE A 293 9.68 2.24 3.88
C ILE A 293 9.70 3.60 3.20
N ALA A 294 8.94 3.75 2.10
CA ALA A 294 8.82 5.05 1.44
C ALA A 294 8.33 6.12 2.42
N ILE A 295 7.32 5.79 3.24
CA ILE A 295 6.79 6.77 4.19
C ILE A 295 7.84 7.17 5.21
N ALA A 296 8.60 6.18 5.73
CA ALA A 296 9.64 6.47 6.72
C ALA A 296 10.72 7.35 6.11
N ARG A 297 11.13 7.05 4.87
CA ARG A 297 12.12 7.89 4.20
C ARG A 297 11.62 9.32 4.03
N SER A 298 10.32 9.50 3.80
CA SER A 298 9.82 10.84 3.50
C SER A 298 9.94 11.79 4.68
N VAL A 299 10.00 11.27 5.90
CA VAL A 299 10.22 12.08 7.09
C VAL A 299 11.67 11.98 7.57
N GLY A 300 12.57 11.46 6.75
CA GLY A 300 13.97 11.42 7.13
C GLY A 300 14.28 10.34 8.13
N LEU A 301 13.54 9.24 8.13
CA LEU A 301 13.80 8.12 9.03
C LEU A 301 14.34 6.94 8.25
N GLU A 302 14.82 5.93 8.96
CA GLU A 302 15.27 4.70 8.34
C GLU A 302 14.31 3.58 8.68
N LEU A 303 14.18 2.64 7.75
CA LEU A 303 13.32 1.49 7.95
C LEU A 303 13.79 0.40 6.99
N THR A 304 14.22 -0.74 7.52
CA THR A 304 14.86 -1.78 6.74
C THR A 304 13.95 -3.00 6.64
N LEU A 305 14.34 -3.92 5.77
CA LEU A 305 13.71 -5.23 5.75
C LEU A 305 13.84 -5.92 7.11
N ASP A 306 14.99 -5.76 7.78
CA ASP A 306 15.20 -6.44 9.06
C ASP A 306 14.23 -5.91 10.13
N ASP A 307 13.92 -4.61 10.11
CA ASP A 307 12.92 -4.08 11.04
C ASP A 307 11.57 -4.77 10.88
N PHE A 308 11.20 -5.10 9.63
CA PHE A 308 9.96 -5.84 9.40
C PHE A 308 10.04 -7.26 9.96
N GLN A 309 11.17 -7.93 9.76
CA GLN A 309 11.32 -9.26 10.33
C GLN A 309 11.17 -9.24 11.85
N LYS A 310 11.84 -8.27 12.52
CA LYS A 310 11.75 -8.17 13.97
C LYS A 310 10.31 -7.96 14.43
N VAL A 311 9.59 -7.04 13.79
CA VAL A 311 8.20 -6.84 14.21
C VAL A 311 7.38 -8.09 13.92
N SER A 312 7.59 -8.70 12.75
CA SER A 312 6.88 -9.93 12.41
C SER A 312 7.06 -11.00 13.49
N ASP A 313 8.31 -11.27 13.86
CA ASP A 313 8.60 -12.24 14.91
C ASP A 313 7.94 -11.88 16.22
N ALA A 314 7.80 -10.59 16.52
CA ALA A 314 7.24 -10.16 17.79
C ALA A 314 5.72 -10.11 17.82
N VAL A 315 5.04 -10.27 16.68
CA VAL A 315 3.61 -10.02 16.57
C VAL A 315 2.90 -11.17 15.89
N PRO A 316 1.89 -11.78 16.52
CA PRO A 316 1.16 -12.89 15.88
C PRO A 316 0.11 -12.40 14.89
N PHE A 317 -0.17 -13.28 13.92
CA PHE A 317 -1.26 -13.10 12.97
C PHE A 317 -2.56 -13.51 13.65
N LEU A 318 -3.53 -12.58 13.72
CA LEU A 318 -4.71 -12.73 14.56
C LEU A 318 -6.05 -12.65 13.83
N ALA A 319 -6.09 -12.16 12.60
CA ALA A 319 -7.35 -11.79 11.96
C ALA A 319 -7.74 -12.82 10.91
N ASP A 320 -9.00 -13.28 10.98
CA ASP A 320 -9.60 -14.17 9.99
C ASP A 320 -10.18 -13.32 8.86
N LEU A 321 -9.30 -12.82 7.98
CA LEU A 321 -9.69 -11.90 6.91
C LEU A 321 -9.14 -12.34 5.57
N LYS A 322 -9.97 -12.23 4.54
CA LYS A 322 -9.52 -12.48 3.19
C LYS A 322 -8.33 -11.57 2.87
N PRO A 323 -7.41 -12.01 2.00
CA PRO A 323 -7.44 -13.23 1.19
C PRO A 323 -7.14 -14.52 1.97
N SER A 324 -6.31 -14.41 3.01
CA SER A 324 -5.91 -15.61 3.74
C SER A 324 -7.09 -16.19 4.51
N GLY A 325 -7.96 -15.34 5.05
CA GLY A 325 -9.07 -15.79 5.85
C GLY A 325 -10.41 -15.58 5.19
N LYS A 326 -11.41 -15.23 6.00
CA LYS A 326 -12.81 -15.32 5.57
C LYS A 326 -13.61 -14.03 5.67
N TYR A 327 -13.23 -13.08 6.51
CA TYR A 327 -14.02 -11.86 6.68
C TYR A 327 -13.43 -10.72 5.86
N VAL A 328 -14.20 -9.63 5.77
CA VAL A 328 -13.82 -8.45 4.99
C VAL A 328 -13.87 -7.23 5.91
N MET A 329 -13.45 -6.09 5.37
CA MET A 329 -13.31 -4.89 6.19
C MET A 329 -14.65 -4.44 6.77
N GLU A 330 -15.73 -4.60 6.01
CA GLU A 330 -17.06 -4.27 6.53
C GLU A 330 -17.34 -5.04 7.83
N ASP A 331 -16.84 -6.28 7.92
CA ASP A 331 -17.09 -7.06 9.13
C ASP A 331 -16.32 -6.50 10.32
N ILE A 332 -15.08 -6.06 10.09
CA ILE A 332 -14.32 -5.35 11.13
C ILE A 332 -15.09 -4.13 11.61
N HIS A 333 -15.67 -3.38 10.66
CA HIS A 333 -16.51 -2.24 10.99
C HIS A 333 -17.61 -2.63 11.98
N LYS A 334 -18.31 -3.74 11.70
CA LYS A 334 -19.46 -4.13 12.49
C LYS A 334 -19.09 -4.60 13.90
N ILE A 335 -17.85 -4.99 14.15
CA ILE A 335 -17.48 -5.50 15.45
C ILE A 335 -16.62 -4.51 16.23
N GLY A 336 -16.63 -3.24 15.84
CA GLY A 336 -15.89 -2.22 16.55
C GLY A 336 -14.85 -1.46 15.74
N GLY A 337 -14.58 -1.85 14.49
CA GLY A 337 -13.70 -1.08 13.64
C GLY A 337 -12.21 -1.23 13.99
N THR A 338 -11.41 -0.49 13.24
CA THR A 338 -9.97 -0.47 13.49
C THR A 338 -9.61 -0.02 14.91
N PRO A 339 -10.23 1.00 15.50
CA PRO A 339 -9.88 1.34 16.90
C PRO A 339 -10.07 0.18 17.89
N ALA A 340 -11.12 -0.62 17.76
CA ALA A 340 -11.28 -1.77 18.64
C ALA A 340 -10.13 -2.75 18.48
N VAL A 341 -9.79 -3.08 17.22
CA VAL A 341 -8.64 -3.95 16.96
C VAL A 341 -7.39 -3.38 17.63
N LEU A 342 -7.10 -2.10 17.39
CA LEU A 342 -5.90 -1.52 17.97
C LEU A 342 -5.99 -1.47 19.49
N ARG A 343 -7.19 -1.28 20.05
CA ARG A 343 -7.32 -1.28 21.50
C ARG A 343 -6.84 -2.59 22.09
N TYR A 344 -7.29 -3.71 21.50
CA TYR A 344 -6.83 -5.03 21.93
C TYR A 344 -5.31 -5.16 21.80
N LEU A 345 -4.75 -4.76 20.65
CA LEU A 345 -3.31 -4.87 20.47
C LEU A 345 -2.56 -4.02 21.48
N LEU A 346 -3.08 -2.83 21.78
CA LEU A 346 -2.46 -2.00 22.82
C LEU A 346 -2.58 -2.64 24.20
N GLU A 347 -3.74 -3.22 24.51
CA GLU A 347 -3.87 -3.91 25.80
C GLU A 347 -2.90 -5.08 25.89
N LEU A 348 -2.64 -5.77 24.78
CA LEU A 348 -1.66 -6.84 24.78
C LEU A 348 -0.22 -6.37 24.95
N GLY A 349 0.03 -5.06 25.05
CA GLY A 349 1.39 -4.56 25.11
C GLY A 349 2.14 -4.54 23.79
N LEU A 350 1.46 -4.75 22.67
CA LEU A 350 2.13 -4.83 21.38
C LEU A 350 2.37 -3.46 20.74
N MET A 351 1.65 -2.42 21.15
CA MET A 351 1.75 -1.09 20.57
C MET A 351 2.27 -0.08 21.58
N ASP A 352 2.81 1.02 21.05
CA ASP A 352 3.27 2.14 21.86
C ASP A 352 2.16 3.18 21.94
N GLY A 353 1.56 3.33 23.12
CA GLY A 353 0.42 4.19 23.29
C GLY A 353 0.71 5.67 23.41
N ASP A 354 1.95 6.05 23.67
CA ASP A 354 2.31 7.45 23.85
C ASP A 354 2.51 8.23 22.55
N CYS A 355 2.39 7.61 21.36
CA CYS A 355 2.58 8.34 20.13
C CYS A 355 1.43 9.32 19.89
N MET A 356 1.78 10.57 19.59
CA MET A 356 0.81 11.59 19.19
C MET A 356 0.17 11.25 17.83
N THR A 357 -1.08 11.69 17.66
CA THR A 357 -1.89 11.44 16.47
C THR A 357 -2.58 12.72 16.02
N VAL A 358 -3.26 12.64 14.88
CA VAL A 358 -3.92 13.79 14.31
C VAL A 358 -5.15 14.21 15.11
N THR A 359 -5.53 13.45 16.15
CA THR A 359 -6.57 13.97 17.04
C THR A 359 -6.03 15.04 17.99
N GLY A 360 -4.72 15.27 17.99
CA GLY A 360 -4.11 16.10 19.01
C GLY A 360 -3.83 15.37 20.29
N GLN A 361 -4.25 14.12 20.41
CA GLN A 361 -4.01 13.27 21.57
C GLN A 361 -3.12 12.09 21.18
N THR A 362 -2.72 11.33 22.20
CA THR A 362 -1.94 10.15 21.94
C THR A 362 -2.85 9.00 21.52
N LEU A 363 -2.22 7.96 20.97
CA LEU A 363 -2.97 6.75 20.60
C LEU A 363 -3.74 6.19 21.79
N ALA A 364 -3.09 6.10 22.96
CA ALA A 364 -3.77 5.55 24.13
C ALA A 364 -4.97 6.41 24.53
N GLN A 365 -4.84 7.73 24.43
CA GLN A 365 -5.98 8.59 24.74
C GLN A 365 -7.13 8.37 23.75
N ASN A 366 -6.83 8.19 22.46
CA ASN A 366 -7.88 7.90 21.48
C ASN A 366 -8.62 6.61 21.85
N LEU A 367 -7.87 5.56 22.15
CA LEU A 367 -8.41 4.21 22.28
C LEU A 367 -8.97 3.91 23.66
N GLU A 368 -8.69 4.77 24.64
CA GLU A 368 -9.14 4.50 26.00
C GLU A 368 -10.66 4.35 26.08
N ASN A 369 -11.39 5.15 25.32
CA ASN A 369 -12.84 5.16 25.44
C ASN A 369 -13.53 4.87 24.12
N VAL A 370 -13.06 3.84 23.41
CA VAL A 370 -13.78 3.37 22.22
C VAL A 370 -14.36 2.01 22.56
N PRO A 371 -15.54 1.68 22.06
CA PRO A 371 -16.08 0.32 22.25
C PRO A 371 -15.04 -0.71 21.86
N SER A 372 -14.76 -1.63 22.79
CA SER A 372 -13.84 -2.72 22.50
C SER A 372 -14.53 -3.74 21.61
N LEU A 373 -13.77 -4.75 21.17
CA LEU A 373 -14.30 -5.69 20.19
C LEU A 373 -15.58 -6.34 20.71
N THR A 374 -16.49 -6.62 19.77
CA THR A 374 -17.81 -7.13 20.12
C THR A 374 -17.70 -8.50 20.78
N GLU A 375 -18.43 -8.68 21.88
CA GLU A 375 -18.34 -9.93 22.63
C GLU A 375 -18.76 -11.11 21.75
N GLY A 376 -17.89 -12.12 21.67
CA GLY A 376 -18.13 -13.29 20.87
C GLY A 376 -17.70 -13.23 19.42
N GLN A 377 -17.13 -12.10 18.98
CA GLN A 377 -16.66 -12.01 17.59
C GLN A 377 -15.61 -13.07 17.31
N GLU A 378 -15.66 -13.65 16.10
CA GLU A 378 -14.71 -14.69 15.73
C GLU A 378 -13.72 -14.23 14.66
N ILE A 379 -13.62 -12.92 14.42
CA ILE A 379 -12.66 -12.40 13.45
C ILE A 379 -11.27 -12.27 14.06
N ILE A 380 -11.18 -11.62 15.21
CA ILE A 380 -9.90 -11.36 15.87
C ILE A 380 -9.70 -12.45 16.92
N ARG A 381 -8.79 -13.38 16.63
CA ARG A 381 -8.46 -14.45 17.55
C ARG A 381 -7.82 -13.88 18.82
N PRO A 382 -7.94 -14.59 19.93
CA PRO A 382 -7.20 -14.18 21.13
C PRO A 382 -5.73 -14.50 20.96
N LEU A 383 -4.91 -13.77 21.73
CA LEU A 383 -3.49 -14.10 21.82
C LEU A 383 -3.27 -15.58 22.12
N SER A 384 -4.20 -16.21 22.86
CA SER A 384 -4.09 -17.61 23.23
C SER A 384 -4.09 -18.52 22.01
N ASN A 385 -4.92 -18.21 21.01
CA ASN A 385 -5.19 -19.08 19.88
C ASN A 385 -5.05 -18.29 18.58
N PRO A 386 -3.81 -17.93 18.22
CA PRO A 386 -3.61 -17.16 16.99
C PRO A 386 -3.69 -18.03 15.74
N ILE A 387 -4.00 -17.38 14.62
CA ILE A 387 -3.94 -18.08 13.34
C ILE A 387 -2.50 -18.49 13.03
N LYS A 388 -1.54 -17.67 13.43
CA LYS A 388 -0.13 -18.03 13.33
C LYS A 388 0.63 -17.34 14.44
N GLU A 389 1.61 -18.04 15.02
CA GLU A 389 2.27 -17.56 16.22
C GLU A 389 3.09 -16.30 15.98
N THR A 390 3.59 -16.12 14.76
CA THR A 390 4.31 -14.91 14.38
C THR A 390 3.70 -14.37 13.10
N GLY A 391 4.28 -13.28 12.60
CA GLY A 391 3.72 -12.62 11.44
C GLY A 391 3.87 -13.43 10.16
N HIS A 392 2.92 -13.21 9.26
CA HIS A 392 2.91 -13.81 7.93
C HIS A 392 4.08 -13.33 7.09
N ILE A 393 4.58 -12.12 7.34
CA ILE A 393 5.57 -11.53 6.46
C ILE A 393 6.95 -12.04 6.82
N GLN A 394 7.68 -12.54 5.82
CA GLN A 394 8.99 -13.14 6.04
C GLN A 394 10.00 -12.54 5.08
N ILE A 395 11.21 -12.28 5.57
CA ILE A 395 12.31 -11.78 4.76
C ILE A 395 13.28 -12.92 4.49
N LEU A 396 13.68 -13.09 3.23
CA LEU A 396 14.61 -14.12 2.79
C LEU A 396 15.81 -13.51 2.07
N ARG A 397 16.99 -14.10 2.28
CA ARG A 397 18.26 -13.52 1.84
C ARG A 397 19.30 -14.58 1.47
N GLY A 398 18.98 -15.53 0.61
CA GLY A 398 19.98 -16.55 0.29
C GLY A 398 21.05 -16.10 -0.67
N ASP A 399 21.63 -17.07 -1.40
CA ASP A 399 22.53 -16.76 -2.53
C ASP A 399 21.81 -15.93 -3.60
N LEU A 400 20.52 -16.20 -3.83
CA LEU A 400 19.79 -15.64 -4.95
C LEU A 400 19.07 -14.34 -4.62
N ALA A 401 18.95 -14.00 -3.34
CA ALA A 401 18.36 -12.74 -2.90
C ALA A 401 19.26 -12.11 -1.86
N PRO A 402 20.51 -11.77 -2.24
CA PRO A 402 21.44 -11.27 -1.22
C PRO A 402 21.00 -9.97 -0.57
N ASP A 403 20.27 -9.11 -1.28
CA ASP A 403 19.83 -7.85 -0.72
C ASP A 403 18.40 -7.91 -0.19
N GLY A 404 17.79 -9.09 -0.15
CA GLY A 404 16.51 -9.26 0.49
C GLY A 404 15.42 -9.61 -0.51
N SER A 405 14.31 -10.08 0.05
CA SER A 405 13.12 -10.50 -0.67
C SER A 405 12.03 -10.64 0.38
N VAL A 406 10.79 -10.73 -0.08
CA VAL A 406 9.63 -10.68 0.82
C VAL A 406 8.69 -11.82 0.46
N ALA A 407 8.20 -12.51 1.49
CA ALA A 407 7.30 -13.62 1.29
C ALA A 407 6.20 -13.54 2.31
N LYS A 408 5.02 -13.98 1.92
CA LYS A 408 3.89 -14.18 2.81
C LYS A 408 3.87 -15.66 3.16
N ILE A 409 4.12 -15.99 4.42
CA ILE A 409 4.24 -17.37 4.88
C ILE A 409 3.15 -17.62 5.91
N THR A 410 2.34 -18.65 5.69
CA THR A 410 1.27 -18.93 6.65
C THR A 410 1.71 -19.86 7.78
N GLY A 411 2.83 -20.56 7.64
CA GLY A 411 3.15 -21.62 8.58
C GLY A 411 2.51 -22.94 8.20
N LYS A 412 1.95 -23.02 6.99
CA LYS A 412 1.23 -24.16 6.46
C LYS A 412 2.01 -24.93 5.40
N GLU A 413 3.04 -24.32 4.83
CA GLU A 413 3.68 -24.79 3.61
C GLU A 413 4.87 -25.69 3.88
N GLY A 414 5.21 -25.94 5.13
CA GLY A 414 6.46 -26.58 5.48
C GLY A 414 7.59 -25.57 5.48
N LEU A 415 8.77 -26.03 5.87
CA LEU A 415 9.91 -25.13 5.97
C LEU A 415 10.85 -25.16 4.77
N TYR A 416 10.70 -26.12 3.85
CA TYR A 416 11.67 -26.28 2.77
C TYR A 416 10.98 -26.54 1.43
N PHE A 417 11.62 -26.06 0.37
CA PHE A 417 11.35 -26.50 -1.00
C PHE A 417 12.66 -26.50 -1.76
N SER A 418 12.92 -27.59 -2.48
CA SER A 418 14.08 -27.66 -3.36
C SER A 418 13.63 -28.20 -4.71
N GLY A 419 14.15 -27.62 -5.79
CA GLY A 419 13.75 -28.03 -7.12
C GLY A 419 14.64 -27.44 -8.19
N PRO A 420 14.64 -28.03 -9.38
CA PRO A 420 15.36 -27.43 -10.50
C PRO A 420 14.66 -26.14 -10.94
N ALA A 421 15.47 -25.13 -11.21
CA ALA A 421 14.97 -23.85 -11.68
C ALA A 421 14.35 -23.97 -13.06
N LEU A 422 13.22 -23.29 -13.25
CA LEU A 422 12.57 -23.14 -14.55
C LEU A 422 12.40 -21.64 -14.78
N VAL A 423 13.20 -21.06 -15.69
CA VAL A 423 13.40 -19.62 -15.75
C VAL A 423 12.63 -19.01 -16.92
N PHE A 424 11.91 -17.91 -16.63
CA PHE A 424 11.21 -17.14 -17.65
C PHE A 424 11.62 -15.67 -17.55
N GLU A 425 11.81 -15.06 -18.72
CA GLU A 425 12.20 -13.66 -18.78
C GLU A 425 11.02 -12.69 -18.61
N GLY A 426 9.80 -13.18 -18.49
CA GLY A 426 8.67 -12.32 -18.20
C GLY A 426 7.45 -13.16 -17.90
N GLU A 427 6.37 -12.48 -17.52
CA GLU A 427 5.14 -13.19 -17.19
C GLU A 427 4.58 -13.92 -18.40
N GLU A 428 4.66 -13.29 -19.57
CA GLU A 428 4.07 -13.83 -20.78
C GLU A 428 4.62 -15.21 -21.11
N SER A 429 5.95 -15.34 -21.20
CA SER A 429 6.51 -16.63 -21.56
C SER A 429 6.25 -17.69 -20.49
N MET A 430 6.15 -17.29 -19.22
CA MET A 430 5.81 -18.26 -18.18
C MET A 430 4.42 -18.84 -18.42
N LEU A 431 3.43 -17.98 -18.70
CA LEU A 431 2.07 -18.44 -18.89
C LEU A 431 1.93 -19.27 -20.15
N ALA A 432 2.59 -18.88 -21.23
CA ALA A 432 2.59 -19.71 -22.44
C ALA A 432 3.11 -21.11 -22.13
N ALA A 433 4.23 -21.18 -21.42
CA ALA A 433 4.85 -22.48 -21.14
C ALA A 433 3.97 -23.34 -20.26
N ILE A 434 3.30 -22.74 -19.27
CA ILE A 434 2.45 -23.54 -18.39
C ILE A 434 1.14 -23.92 -19.07
N SER A 435 0.71 -23.20 -20.10
CA SER A 435 -0.44 -23.66 -20.86
C SER A 435 -0.08 -24.82 -21.76
N ALA A 436 1.01 -24.68 -22.52
CA ALA A 436 1.43 -25.72 -23.44
C ALA A 436 1.88 -26.99 -22.73
N ASP A 437 2.37 -26.88 -21.51
CA ASP A 437 3.08 -28.01 -20.92
C ASP A 437 3.09 -27.94 -19.40
N PRO A 438 1.95 -28.10 -18.73
CA PRO A 438 1.93 -27.89 -17.27
C PRO A 438 2.81 -28.87 -16.51
N MET A 439 2.89 -30.12 -16.95
CA MET A 439 3.63 -31.12 -16.18
C MET A 439 5.12 -30.82 -16.13
N SER A 440 5.65 -30.12 -17.13
CA SER A 440 7.04 -29.68 -17.07
C SER A 440 7.34 -28.78 -15.87
N PHE A 441 6.30 -28.29 -15.17
CA PHE A 441 6.47 -27.42 -14.01
C PHE A 441 6.54 -28.18 -12.69
N LYS A 442 6.07 -29.43 -12.68
CA LYS A 442 5.98 -30.21 -11.44
C LYS A 442 7.35 -30.31 -10.78
N GLY A 443 7.43 -29.87 -9.53
CA GLY A 443 8.65 -29.98 -8.74
C GLY A 443 9.70 -28.90 -8.96
N THR A 444 9.43 -27.91 -9.80
CA THR A 444 10.45 -26.92 -10.13
C THR A 444 10.32 -25.69 -9.25
N VAL A 445 11.34 -24.85 -9.32
CA VAL A 445 11.30 -23.50 -8.77
C VAL A 445 11.13 -22.57 -9.96
N VAL A 446 9.91 -22.07 -10.14
CA VAL A 446 9.59 -21.20 -11.28
C VAL A 446 10.14 -19.81 -10.98
N VAL A 447 10.98 -19.30 -11.88
CA VAL A 447 11.59 -17.98 -11.75
C VAL A 447 11.04 -17.09 -12.86
N ILE A 448 10.33 -16.05 -12.47
CA ILE A 448 9.87 -15.03 -13.41
C ILE A 448 10.71 -13.78 -13.12
N ARG A 449 11.66 -13.49 -13.99
CA ARG A 449 12.56 -12.38 -13.73
C ARG A 449 12.37 -11.31 -14.81
N GLY A 450 13.08 -10.19 -14.65
CA GLY A 450 12.85 -9.06 -15.52
C GLY A 450 11.59 -8.29 -15.19
N GLU A 451 11.07 -8.43 -13.97
CA GLU A 451 9.84 -7.78 -13.57
C GLU A 451 10.05 -6.79 -12.43
N GLY A 452 11.29 -6.37 -12.19
CA GLY A 452 11.59 -5.49 -11.08
C GLY A 452 11.27 -4.04 -11.41
N PRO A 453 11.66 -3.15 -10.49
CA PRO A 453 11.43 -1.71 -10.71
C PRO A 453 11.98 -1.19 -12.05
N LYS A 454 13.19 -1.58 -12.42
CA LYS A 454 13.72 -1.12 -13.69
C LYS A 454 13.43 -2.10 -14.83
N GLY A 455 13.38 -3.40 -14.54
CA GLY A 455 13.20 -4.40 -15.58
C GLY A 455 11.81 -4.57 -16.15
N GLY A 456 10.77 -4.48 -15.31
CA GLY A 456 9.40 -4.63 -15.74
C GLY A 456 9.01 -3.85 -16.99
N PRO A 457 9.22 -2.52 -16.98
CA PRO A 457 9.63 -1.71 -15.83
C PRO A 457 8.44 -1.51 -14.89
N GLY A 458 8.65 -0.86 -13.74
CA GLY A 458 7.55 -0.48 -12.89
C GLY A 458 7.18 -1.48 -11.83
N MET A 459 7.97 -2.54 -11.67
CA MET A 459 7.73 -3.61 -10.71
C MET A 459 6.24 -4.02 -10.69
N PRO A 460 5.71 -4.49 -11.83
CA PRO A 460 4.27 -4.79 -11.87
C PRO A 460 3.89 -5.92 -10.93
N GLU A 461 2.63 -5.91 -10.52
CA GLU A 461 2.02 -6.99 -9.75
C GLU A 461 1.45 -8.04 -10.70
N MET A 462 1.77 -9.30 -10.47
CA MET A 462 1.35 -10.37 -11.37
C MET A 462 0.40 -11.30 -10.62
N LEU A 463 -0.78 -11.50 -11.19
CA LEU A 463 -1.76 -12.41 -10.61
C LEU A 463 -1.87 -13.74 -11.35
N THR A 464 -1.75 -13.73 -12.68
CA THR A 464 -2.00 -14.96 -13.44
C THR A 464 -1.03 -16.11 -13.15
N PRO A 465 0.26 -15.90 -12.84
CA PRO A 465 1.10 -17.09 -12.54
C PRO A 465 0.60 -17.93 -11.38
N THR A 466 0.20 -17.34 -10.24
CA THR A 466 -0.34 -18.14 -9.15
C THR A 466 -1.68 -18.78 -9.50
N SER A 467 -2.51 -18.09 -10.28
CA SER A 467 -3.77 -18.67 -10.73
C SER A 467 -3.53 -19.86 -11.65
N ALA A 468 -2.64 -19.69 -12.63
CA ALA A 468 -2.34 -20.78 -13.54
C ALA A 468 -1.76 -21.98 -12.80
N ILE A 469 -0.92 -21.74 -11.79
CA ILE A 469 -0.33 -22.87 -11.06
C ILE A 469 -1.40 -23.62 -10.28
N MET A 470 -2.32 -22.90 -9.63
CA MET A 470 -3.40 -23.58 -8.92
C MET A 470 -4.29 -24.36 -9.87
N GLY A 471 -4.71 -23.72 -10.97
CA GLY A 471 -5.58 -24.38 -11.94
C GLY A 471 -4.93 -25.53 -12.68
N ALA A 472 -3.61 -25.59 -12.70
CA ALA A 472 -2.93 -26.76 -13.21
C ALA A 472 -2.75 -27.84 -12.15
N GLY A 473 -3.19 -27.59 -10.92
CA GLY A 473 -3.03 -28.56 -9.85
C GLY A 473 -1.65 -28.63 -9.26
N LEU A 474 -0.82 -27.60 -9.47
CA LEU A 474 0.58 -27.62 -9.07
C LEU A 474 0.85 -26.79 -7.82
N GLY A 475 -0.19 -26.43 -7.07
CA GLY A 475 -0.05 -25.43 -6.03
C GLY A 475 0.98 -25.78 -4.95
N LYS A 476 0.99 -27.02 -4.50
CA LYS A 476 1.97 -27.41 -3.50
C LYS A 476 3.20 -28.06 -4.12
N GLU A 477 3.22 -28.26 -5.44
CA GLU A 477 4.24 -29.04 -6.11
C GLU A 477 5.26 -28.19 -6.85
N CYS A 478 5.22 -26.88 -6.66
CA CYS A 478 6.19 -25.99 -7.29
C CYS A 478 6.34 -24.78 -6.38
N ALA A 479 7.42 -24.04 -6.62
CA ALA A 479 7.67 -22.76 -5.97
C ALA A 479 7.80 -21.69 -7.04
N LEU A 480 7.71 -20.43 -6.60
CA LEU A 480 7.58 -19.28 -7.49
C LEU A 480 8.40 -18.11 -6.94
N LEU A 481 9.33 -17.61 -7.75
CA LEU A 481 10.23 -16.51 -7.36
C LEU A 481 10.17 -15.39 -8.40
N THR A 482 10.26 -14.14 -7.93
CA THR A 482 10.29 -13.03 -8.87
C THR A 482 11.04 -11.84 -8.29
N ASP A 483 11.57 -10.99 -9.17
CA ASP A 483 12.05 -9.67 -8.77
C ASP A 483 10.94 -8.62 -8.82
N GLY A 484 9.77 -8.99 -9.30
CA GLY A 484 8.58 -8.18 -9.26
C GLY A 484 7.71 -8.53 -8.07
N ARG A 485 6.40 -8.52 -8.28
CA ARG A 485 5.46 -8.76 -7.18
C ARG A 485 4.39 -9.73 -7.63
N PHE A 486 4.05 -10.65 -6.74
CA PHE A 486 2.93 -11.54 -6.95
C PHE A 486 1.76 -11.02 -6.15
N SER A 487 0.56 -11.26 -6.66
CA SER A 487 -0.63 -10.67 -6.07
C SER A 487 -1.21 -11.55 -4.97
N GLY A 488 -1.51 -12.81 -5.30
CA GLY A 488 -2.09 -13.74 -4.37
C GLY A 488 -1.12 -14.80 -3.88
N GLY A 489 -1.68 -15.79 -3.22
CA GLY A 489 -0.91 -16.90 -2.68
C GLY A 489 -1.05 -18.16 -3.53
N SER A 490 0.01 -18.96 -3.50
CA SER A 490 -0.05 -20.38 -3.87
C SER A 490 -0.67 -21.11 -2.68
N HIS A 491 -0.51 -22.42 -2.61
CA HIS A 491 -0.52 -23.08 -1.32
C HIS A 491 0.91 -23.45 -0.91
N GLY A 492 1.88 -23.03 -1.71
CA GLY A 492 3.29 -23.18 -1.41
C GLY A 492 4.06 -21.87 -1.44
N PHE A 493 5.35 -21.99 -1.74
CA PHE A 493 6.33 -20.94 -1.53
C PHE A 493 6.30 -19.94 -2.70
N VAL A 494 6.04 -18.67 -2.38
CA VAL A 494 5.90 -17.59 -3.37
C VAL A 494 6.68 -16.40 -2.83
N VAL A 495 7.70 -15.95 -3.58
CA VAL A 495 8.59 -14.88 -3.12
C VAL A 495 8.68 -13.78 -4.18
N GLY A 496 8.59 -12.52 -3.72
CA GLY A 496 8.74 -11.37 -4.59
C GLY A 496 9.82 -10.46 -4.05
N HIS A 497 9.98 -9.31 -4.74
CA HIS A 497 10.91 -8.25 -4.31
C HIS A 497 12.36 -8.73 -4.25
N ILE A 498 12.73 -9.76 -5.02
CA ILE A 498 14.07 -10.32 -4.93
C ILE A 498 15.09 -9.30 -5.40
N CYS A 499 16.11 -9.03 -4.57
CA CYS A 499 17.07 -7.96 -4.81
C CYS A 499 18.49 -8.48 -4.70
N PRO A 500 19.42 -8.00 -5.55
CA PRO A 500 19.16 -7.06 -6.67
C PRO A 500 18.28 -7.65 -7.77
N GLU A 501 17.46 -6.84 -8.44
CA GLU A 501 16.63 -7.35 -9.52
C GLU A 501 17.49 -7.83 -10.69
N ALA A 502 16.87 -8.62 -11.58
CA ALA A 502 17.61 -9.19 -12.71
C ALA A 502 18.15 -8.09 -13.63
N GLN A 503 17.37 -7.03 -13.85
CA GLN A 503 17.84 -5.93 -14.69
C GLN A 503 19.14 -5.37 -14.19
N GLU A 504 19.37 -5.41 -12.88
CA GLU A 504 20.59 -4.88 -12.27
C GLU A 504 21.70 -5.91 -12.15
N GLY A 505 21.53 -7.10 -12.73
CA GLY A 505 22.55 -8.12 -12.63
C GLY A 505 22.66 -8.83 -11.31
N GLY A 506 21.61 -8.84 -10.51
CA GLY A 506 21.58 -9.64 -9.31
C GLY A 506 21.58 -11.13 -9.64
N PRO A 507 21.95 -11.97 -8.67
CA PRO A 507 22.02 -13.41 -8.93
C PRO A 507 20.77 -13.98 -9.59
N ILE A 508 19.60 -13.38 -9.37
CA ILE A 508 18.40 -13.87 -10.05
C ILE A 508 18.57 -13.81 -11.56
N GLY A 509 19.29 -12.80 -12.06
CA GLY A 509 19.51 -12.72 -13.49
C GLY A 509 20.53 -13.71 -14.02
N LEU A 510 21.21 -14.45 -13.15
CA LEU A 510 22.22 -15.42 -13.55
C LEU A 510 21.73 -16.86 -13.48
N ILE A 511 20.50 -17.08 -12.99
CA ILE A 511 19.99 -18.45 -12.88
C ILE A 511 19.82 -19.05 -14.26
N LYS A 512 20.09 -20.35 -14.36
CA LYS A 512 19.84 -21.12 -15.59
C LYS A 512 18.91 -22.28 -15.28
N ASN A 513 18.12 -22.68 -16.28
CA ASN A 513 17.27 -23.86 -16.14
C ASN A 513 18.10 -25.04 -15.64
N GLY A 514 17.56 -25.76 -14.65
CA GLY A 514 18.23 -26.91 -14.08
C GLY A 514 18.95 -26.64 -12.79
N ASP A 515 19.39 -25.39 -12.58
CA ASP A 515 19.94 -24.97 -11.30
C ASP A 515 19.03 -25.43 -10.16
N ILE A 516 19.63 -26.05 -9.14
CA ILE A 516 18.85 -26.54 -8.00
C ILE A 516 18.73 -25.42 -7.00
N ILE A 517 17.51 -24.96 -6.78
CA ILE A 517 17.25 -23.85 -5.87
C ILE A 517 16.65 -24.42 -4.61
N THR A 518 17.12 -23.96 -3.45
CA THR A 518 16.58 -24.45 -2.18
C THR A 518 16.09 -23.26 -1.37
N ILE A 519 14.79 -23.26 -1.08
CA ILE A 519 14.18 -22.27 -0.20
C ILE A 519 14.11 -22.87 1.19
N ASP A 520 14.69 -22.19 2.17
CA ASP A 520 14.70 -22.64 3.55
C ASP A 520 14.09 -21.53 4.42
N ILE A 521 12.85 -21.74 4.87
CA ILE A 521 12.16 -20.69 5.62
C ILE A 521 12.81 -20.47 6.97
N GLY A 522 13.28 -21.55 7.61
CA GLY A 522 13.87 -21.43 8.93
C GLY A 522 15.18 -20.68 8.92
N ALA A 523 16.05 -20.99 7.96
CA ALA A 523 17.27 -20.21 7.78
C ALA A 523 17.01 -18.91 7.02
N ALA A 524 15.86 -18.76 6.38
CA ALA A 524 15.52 -17.53 5.65
C ALA A 524 16.52 -17.26 4.52
N ARG A 525 16.59 -18.23 3.60
CA ARG A 525 17.58 -18.21 2.54
C ARG A 525 16.97 -18.84 1.28
N ILE A 526 17.28 -18.22 0.15
CA ILE A 526 16.99 -18.79 -1.16
C ILE A 526 18.36 -19.06 -1.79
N ASP A 527 18.76 -20.33 -1.80
CA ASP A 527 20.11 -20.69 -2.19
C ASP A 527 20.10 -21.43 -3.51
N THR A 528 21.26 -21.45 -4.16
CA THR A 528 21.46 -22.24 -5.36
C THR A 528 22.53 -23.29 -5.10
N GLN A 529 22.34 -24.47 -5.69
CA GLN A 529 23.40 -25.47 -5.67
C GLN A 529 24.59 -25.05 -6.53
N VAL A 530 24.38 -24.14 -7.49
CA VAL A 530 25.49 -23.65 -8.29
C VAL A 530 26.56 -23.06 -7.37
N SER A 531 27.82 -23.30 -7.72
CA SER A 531 28.92 -22.82 -6.89
C SER A 531 29.00 -21.29 -6.98
N PRO A 532 29.45 -20.64 -5.92
CA PRO A 532 29.68 -19.18 -5.99
C PRO A 532 30.65 -18.79 -7.10
N GLU A 533 31.65 -19.62 -7.39
CA GLU A 533 32.59 -19.30 -8.46
C GLU A 533 31.95 -19.45 -9.84
N GLU A 534 31.07 -20.44 -10.01
CA GLU A 534 30.38 -20.51 -11.30
C GLU A 534 29.37 -19.38 -11.44
N MET A 535 28.73 -18.98 -10.33
CA MET A 535 27.84 -17.83 -10.38
C MET A 535 28.61 -16.57 -10.76
N ASN A 536 29.79 -16.38 -10.17
CA ASN A 536 30.60 -15.22 -10.52
C ASN A 536 31.11 -15.29 -11.96
N ASP A 537 31.39 -16.49 -12.45
CA ASP A 537 31.72 -16.64 -13.86
C ASP A 537 30.56 -16.15 -14.72
N ARG A 538 29.34 -16.62 -14.42
CA ARG A 538 28.17 -16.13 -15.11
C ARG A 538 28.07 -14.61 -15.02
N ARG A 539 28.37 -14.04 -13.85
CA ARG A 539 28.27 -12.60 -13.66
C ARG A 539 29.25 -11.86 -14.56
N LYS A 540 30.50 -12.35 -14.63
CA LYS A 540 31.51 -11.71 -15.46
C LYS A 540 31.08 -11.64 -16.91
N LYS A 541 30.28 -12.61 -17.37
CA LYS A 541 29.85 -12.68 -18.76
C LYS A 541 28.50 -12.02 -19.02
N TRP A 542 27.83 -11.51 -17.99
CA TRP A 542 26.47 -10.97 -18.13
C TRP A 542 26.51 -9.54 -18.67
N THR A 543 25.58 -9.22 -19.57
CA THR A 543 25.36 -7.84 -19.96
C THR A 543 23.90 -7.46 -19.75
N ALA A 544 23.69 -6.25 -19.24
CA ALA A 544 22.35 -5.78 -18.95
C ALA A 544 21.52 -5.72 -20.23
N PRO A 545 20.27 -6.19 -20.21
CA PRO A 545 19.40 -6.03 -21.37
C PRO A 545 18.99 -4.58 -21.53
N ALA A 546 18.63 -4.22 -22.76
CA ALA A 546 18.17 -2.87 -23.06
C ALA A 546 16.87 -2.60 -22.34
N TYR A 547 16.74 -1.38 -21.83
CA TYR A 547 15.49 -0.93 -21.23
C TYR A 547 14.33 -1.09 -22.20
N LYS A 548 13.15 -1.41 -21.67
CA LYS A 548 11.99 -1.58 -22.53
C LYS A 548 11.36 -0.26 -22.98
N VAL A 549 11.79 0.87 -22.44
CA VAL A 549 11.28 2.18 -22.84
C VAL A 549 12.47 3.13 -22.96
N ASN A 550 12.31 4.15 -23.79
CA ASN A 550 13.29 5.22 -23.86
C ASN A 550 12.68 6.59 -23.66
N ARG A 551 11.38 6.69 -23.39
CA ARG A 551 10.76 8.00 -23.19
C ARG A 551 9.64 7.88 -22.16
N GLY A 552 9.13 9.03 -21.76
CA GLY A 552 7.94 9.08 -20.93
C GLY A 552 8.19 8.78 -19.47
N VAL A 553 7.07 8.72 -18.73
CA VAL A 553 7.12 8.61 -17.26
C VAL A 553 7.86 7.34 -16.81
N LEU A 554 7.75 6.24 -17.56
CA LEU A 554 8.41 4.98 -17.14
C LEU A 554 9.91 5.02 -17.35
N TYR A 555 10.39 5.72 -18.39
CA TYR A 555 11.84 5.90 -18.50
C TYR A 555 12.36 6.76 -17.35
N LYS A 556 11.62 7.80 -16.98
CA LYS A 556 12.01 8.56 -15.80
C LYS A 556 12.01 7.69 -14.56
N TYR A 557 11.01 6.81 -14.43
CA TYR A 557 11.02 5.89 -13.30
C TYR A 557 12.31 5.06 -13.29
N ILE A 558 12.63 4.44 -14.43
CA ILE A 558 13.87 3.65 -14.55
C ILE A 558 15.07 4.47 -14.11
N LYS A 559 15.09 5.77 -14.47
CA LYS A 559 16.24 6.62 -14.12
C LYS A 559 16.31 6.92 -12.63
N ASN A 560 15.17 6.93 -11.92
CA ASN A 560 15.10 7.46 -10.57
C ASN A 560 14.92 6.41 -9.48
N VAL A 561 14.37 5.23 -9.78
CA VAL A 561 13.86 4.34 -8.74
C VAL A 561 14.97 3.56 -8.05
N GLN A 562 14.88 3.49 -6.72
CA GLN A 562 15.74 2.62 -5.94
C GLN A 562 15.18 1.19 -5.89
N SER A 563 15.92 0.30 -5.27
CA SER A 563 15.53 -1.11 -5.22
C SER A 563 14.28 -1.32 -4.37
N ALA A 564 13.67 -2.49 -4.56
CA ALA A 564 12.53 -2.91 -3.75
C ALA A 564 12.87 -2.92 -2.26
N SER A 565 14.10 -3.30 -1.91
CA SER A 565 14.53 -3.32 -0.52
C SER A 565 14.59 -1.92 0.06
N ASP A 566 14.79 -0.91 -0.79
CA ASP A 566 14.78 0.49 -0.38
C ASP A 566 13.41 1.14 -0.62
N GLY A 567 12.34 0.33 -0.66
CA GLY A 567 10.99 0.86 -0.84
C GLY A 567 10.68 1.46 -2.20
N CYS A 568 11.54 1.24 -3.22
CA CYS A 568 11.42 1.90 -4.53
C CYS A 568 11.17 3.41 -4.45
N VAL A 569 11.86 4.08 -3.51
CA VAL A 569 11.82 5.53 -3.51
C VAL A 569 12.48 6.05 -4.77
N THR A 570 12.06 7.24 -5.22
CA THR A 570 12.55 7.81 -6.47
C THR A 570 13.27 9.14 -6.29
N ASP A 571 13.29 9.71 -5.09
CA ASP A 571 13.78 11.07 -4.91
C ASP A 571 15.07 11.13 -4.10
N GLU A 572 15.91 10.10 -4.21
CA GLU A 572 17.17 10.09 -3.44
C GLU A 572 18.37 9.97 -4.36
FE1 FES B . -7.66 -2.33 -5.48
FE2 FES B . -8.30 0.48 -6.13
S1 FES B . -7.81 -1.25 -7.40
S2 FES B . -8.10 -0.59 -4.21
C10 A1L7A C . -2.16 -7.20 -4.00
C11 A1L7A C . -3.32 -6.62 -4.54
C01 A1L7A C . -6.21 -2.67 -2.39
C02 A1L7A C . -6.43 -3.64 -2.97
C03 A1L7A C . -6.71 -4.89 -3.76
C05 A1L7A C . -4.35 -6.21 -3.72
C06 A1L7A C . -4.10 -6.46 -2.40
C07 A1L7A C . -2.97 -7.01 -1.81
C08 A1L7A C . -1.95 -7.40 -2.64
C13 A1L7A C . -4.90 -6.71 -6.33
C15 A1L7A C . -5.26 -8.19 -5.97
C18 A1L7A C . -5.94 -5.89 -5.64
F09 A1L7A C . -0.79 -7.92 -2.10
N04 A1L7A C . -5.60 -5.65 -4.30
O12 A1L7A C . -3.54 -6.42 -5.96
O14 A1L7A C . -5.14 -6.43 -7.68
O16 A1L7A C . -5.28 -8.62 -4.76
O17 A1L7A C . -5.55 -8.98 -6.89
O19 A1L7A C . -6.94 -5.48 -6.18
MG MG D . -3.44 -3.98 -6.11
#